data_7WEE
#
_entry.id   7WEE
#
_cell.length_a   1.00
_cell.length_b   1.00
_cell.length_c   1.00
_cell.angle_alpha   90.00
_cell.angle_beta   90.00
_cell.angle_gamma   90.00
#
_symmetry.space_group_name_H-M   'P 1'
#
loop_
_entity.id
_entity.type
_entity.pdbx_description
1 polymer 'Spike glycoprotein'
2 polymer 'The heavy chain of Fab XGv265'
3 polymer 'The light chain of Fab XGv265'
#
loop_
_entity_poly.entity_id
_entity_poly.type
_entity_poly.pdbx_seq_one_letter_code
_entity_poly.pdbx_strand_id
1 'polypeptide(L)'
;MFVFLVLLPLVSSQCVNLTTRTQLPPAYTNSFTRGVYYPDKVFRSSVLHSTQDLFLPFFSNVTWFHVISGTNGTKRFDNP
VLPFNDGVYFASIEKSNIIRGWIFGTTLDSKTQSLLIVNNATNVVIKVCEFQFCNDPFLDHKNNKSWMESEFRVYSSANN
CTFEYVSQPFLMDLEGKQGNFKNLREFVFKNIDGYFKIYSKHTPILVREPEDLPQGFSALEPLVDLPIGINITRFQTLLA
LHRSYLTPGDSSSGWTAGAAAYYVGYLQPRTFLLKYNENGTITDAVDCALDPLSETKCTLKSFTVEKGIYQTSNFRVQPT
ESIVRFPNITNLCPFDEVFNATRFASVYAWNRKRISNCVADYSVLYNLAPFFTFKCYGVSPTKLNDLCFTNVYADSFVIR
GDEVRQIAPGQTGNIADYNYKLPDDFTGCVIAWNSNKLDSKVSGNYNYLYRLFRKSNLKPFERDISTEIYQAGNKPCNGV
AGFNCYFPLRSYSFRPTYGVGHQPYRVVVLSFELLHAPATVCGPKKSTNLVKNKCVNFNFNGLKGTGVLTESNKKFLPFQ
QFGRDIADTTDAVRDPQTLEILDITPCSFGGVSVITPGTNTSNQVAVLYQGVNCTEVPVAIHADQLTPTWRVYSTGSNVF
QTRAGCLIGAEYVNNSYECDIPIGAGICASYQTQTKSHRRARSVASQSIIAYTMSLGAENSVAYSNNSIAIPTNFTISVT
TEILPVSMTKTSVDCTMYICGDSTECSNLLLQYGSFCTQLKRALTGIAVEQDKNTQEVFAQVKQIYKTPPIKYFGGFNFS
QILPDPSKPSKRSFIEDLLFNKVTLADAGFIKQYGDCLGDIAARDLICAQKFKGLTVLPPLLTDEMIAQYTSALLAGTIT
SGWTFGAGAALQIPFAMQMAYRFNGIGVTQNVLYENQKLIANQFNSAIGKIQDSLSSTASALGKLQDVVNHNAQALNTLV
KQLSSKFGAISSVLNDIFSRLDKVEAEVQIDRLITGRLQSLQTYVTQQLIRAAEIRASANLAATKMSECVLGQSKRVDFC
GKGYHLMSFPQSAPHGVVFLHVTYVPAQEKNFTTAPAICHDGKAHFPREGVFVSNGTHWFVTQRNFYEPQIITTDNTFVS
GNCDVVIGIVNNTVYDPLQPELDSFKEELDKYFKNHTSPDVDLGDISGINASVVNIQKEIDRLNEVAKNLNESLIDLQEL
GKYEQYIKWPWYIWLGFIAGLIAIVMVTIMLCCMTSCCSCLKGCCSCGSCCKFDEDDSEPVLKGVKLHYT
;
E
2 'polypeptide(L)'
;QITLKESGPTLVKPTQTLTLTCNFSGFSLNTYGVGVGWIRQPPGKALEWLALIYWDGDERYGPFFKNKVTIAKDTSKNQV
VLTMTNMDPVDTATYYCARHLIPTIFDYWGQGTLVTVSS
;
H
3 'polypeptide(L)'
;SALTQPASVSGSPGQSITISCTGTSSDVGGSNYVSWYQHHPDRAPKLLIYEVTNRPSGVSNRFSGSKSANTASLTISGLQ
AEDEADYYCSSYTTTSTHILFGGGTKLTV
;
L
#
# COMPACT_ATOMS: atom_id res chain seq x y z
N PRO A 327 -22.26 35.51 4.89
CA PRO A 327 -23.12 36.44 5.62
C PRO A 327 -23.58 35.90 6.98
N ASN A 328 -24.84 35.46 7.04
CA ASN A 328 -25.41 35.05 8.32
C ASN A 328 -24.92 33.67 8.76
N ILE A 329 -24.72 32.77 7.79
CA ILE A 329 -24.43 31.38 8.11
C ILE A 329 -23.00 31.24 8.63
N THR A 330 -22.77 30.20 9.44
CA THR A 330 -21.43 29.87 9.93
C THR A 330 -21.37 28.36 10.21
N ASN A 331 -20.88 27.61 9.21
CA ASN A 331 -20.75 26.16 9.31
C ASN A 331 -19.54 25.75 8.47
N LEU A 332 -18.61 25.04 9.07
CA LEU A 332 -17.42 24.61 8.33
C LEU A 332 -17.80 23.58 7.27
N CYS A 333 -17.24 23.75 6.08
CA CYS A 333 -17.53 22.87 4.97
C CYS A 333 -16.85 21.51 5.17
N PRO A 334 -17.45 20.43 4.67
CA PRO A 334 -16.90 19.08 4.90
C PRO A 334 -15.81 18.71 3.91
N PHE A 335 -14.75 19.52 3.86
CA PHE A 335 -13.58 19.15 3.06
C PHE A 335 -12.90 17.91 3.63
N ASP A 336 -12.80 17.82 4.96
CA ASP A 336 -12.20 16.65 5.59
C ASP A 336 -13.05 15.40 5.43
N GLU A 337 -14.31 15.54 5.04
CA GLU A 337 -15.14 14.38 4.71
C GLU A 337 -14.85 13.84 3.32
N VAL A 338 -14.04 14.54 2.52
CA VAL A 338 -13.67 14.12 1.18
C VAL A 338 -12.18 13.79 1.10
N PHE A 339 -11.33 14.71 1.53
CA PHE A 339 -9.89 14.50 1.43
C PHE A 339 -9.42 13.37 2.35
N ASN A 340 -9.96 13.30 3.56
CA ASN A 340 -9.61 12.27 4.52
C ASN A 340 -10.46 11.01 4.36
N ALA A 341 -11.13 10.85 3.23
CA ALA A 341 -11.93 9.65 3.00
C ALA A 341 -11.03 8.43 2.82
N THR A 342 -11.56 7.27 3.16
CA THR A 342 -10.77 6.04 3.13
C THR A 342 -10.65 5.50 1.70
N ARG A 343 -11.77 5.16 1.08
CA ARG A 343 -11.79 4.52 -0.22
C ARG A 343 -12.31 5.47 -1.29
N PHE A 344 -11.64 5.49 -2.43
CA PHE A 344 -12.06 6.27 -3.59
C PHE A 344 -12.59 5.31 -4.65
N ALA A 345 -13.71 5.67 -5.27
CA ALA A 345 -14.37 4.80 -6.22
C ALA A 345 -13.58 4.71 -7.51
N SER A 346 -13.96 3.74 -8.35
CA SER A 346 -13.30 3.53 -9.62
C SER A 346 -13.55 4.70 -10.57
N VAL A 347 -12.71 4.81 -11.59
CA VAL A 347 -12.74 5.99 -12.45
C VAL A 347 -13.99 6.02 -13.33
N TYR A 348 -14.52 4.85 -13.71
CA TYR A 348 -15.67 4.85 -14.62
C TYR A 348 -16.97 5.16 -13.92
N ALA A 349 -17.00 5.13 -12.59
CA ALA A 349 -18.21 5.39 -11.82
C ALA A 349 -17.91 6.37 -10.69
N TRP A 350 -17.24 7.46 -11.03
CA TRP A 350 -16.88 8.47 -10.04
C TRP A 350 -18.12 9.06 -9.40
N ASN A 351 -18.04 9.35 -8.12
CA ASN A 351 -19.15 9.89 -7.36
C ASN A 351 -19.01 11.41 -7.21
N ARG A 352 -20.13 12.10 -7.35
CA ARG A 352 -20.17 13.56 -7.25
C ARG A 352 -20.82 13.96 -5.94
N LYS A 353 -20.14 14.80 -5.17
CA LYS A 353 -20.65 15.27 -3.89
C LYS A 353 -20.93 16.76 -3.98
N ARG A 354 -22.11 17.17 -3.51
CA ARG A 354 -22.53 18.56 -3.57
C ARG A 354 -22.24 19.24 -2.25
N ILE A 355 -21.59 20.40 -2.32
CA ILE A 355 -21.25 21.20 -1.15
C ILE A 355 -22.03 22.51 -1.25
N SER A 356 -22.81 22.80 -0.22
CA SER A 356 -23.64 23.99 -0.15
C SER A 356 -23.96 24.27 1.30
N ASN A 357 -24.33 25.53 1.57
CA ASN A 357 -24.74 25.98 2.91
C ASN A 357 -23.64 25.74 3.94
N CYS A 358 -22.47 26.33 3.70
CA CYS A 358 -21.36 26.22 4.62
C CYS A 358 -20.39 27.37 4.37
N VAL A 359 -19.53 27.62 5.35
CA VAL A 359 -18.50 28.65 5.23
C VAL A 359 -17.20 28.00 4.80
N ALA A 360 -16.71 28.39 3.63
CA ALA A 360 -15.54 27.76 3.06
C ALA A 360 -14.27 28.19 3.79
N ASP A 361 -13.25 27.34 3.73
CA ASP A 361 -11.93 27.66 4.28
C ASP A 361 -10.90 26.91 3.45
N TYR A 362 -10.18 27.64 2.59
CA TYR A 362 -9.23 27.04 1.66
C TYR A 362 -7.80 27.13 2.16
N SER A 363 -7.62 27.18 3.48
CA SER A 363 -6.29 27.14 4.07
C SER A 363 -5.89 25.73 4.45
N VAL A 364 -6.80 24.98 5.08
CA VAL A 364 -6.54 23.59 5.40
C VAL A 364 -6.39 22.75 4.14
N LEU A 365 -6.96 23.21 3.02
CA LEU A 365 -6.74 22.52 1.75
C LEU A 365 -5.27 22.57 1.35
N TYR A 366 -4.65 23.74 1.46
CA TYR A 366 -3.24 23.89 1.13
C TYR A 366 -2.31 23.47 2.27
N ASN A 367 -2.87 23.20 3.46
CA ASN A 367 -2.05 22.78 4.59
C ASN A 367 -1.21 21.55 4.26
N LEU A 368 -1.71 20.67 3.40
CA LEU A 368 -0.95 19.49 3.01
C LEU A 368 0.11 19.88 1.97
N ALA A 369 1.36 19.56 2.28
CA ALA A 369 2.52 19.95 1.48
C ALA A 369 2.77 19.10 0.24
N PRO A 370 2.70 17.75 0.31
CA PRO A 370 3.23 16.94 -0.81
C PRO A 370 2.33 16.83 -2.02
N PHE A 371 1.34 17.73 -2.16
CA PHE A 371 0.48 17.75 -3.34
C PHE A 371 1.29 17.70 -4.63
N PHE A 372 1.06 16.65 -5.41
CA PHE A 372 1.72 16.51 -6.71
C PHE A 372 1.29 17.63 -7.65
N THR A 373 0.00 17.96 -7.67
CA THR A 373 -0.50 19.00 -8.55
C THR A 373 -1.68 19.71 -7.89
N PHE A 374 -1.67 21.04 -7.93
CA PHE A 374 -2.78 21.85 -7.44
C PHE A 374 -2.94 23.02 -8.41
N LYS A 375 -3.80 22.85 -9.40
CA LYS A 375 -3.86 23.78 -10.52
C LYS A 375 -5.27 24.33 -10.68
N CYS A 376 -5.37 25.65 -10.82
CA CYS A 376 -6.65 26.33 -10.93
C CYS A 376 -6.74 27.00 -12.29
N TYR A 377 -7.93 26.94 -12.92
CA TYR A 377 -8.06 27.37 -14.30
C TYR A 377 -8.68 28.76 -14.40
N GLY A 378 -9.88 28.94 -13.85
CA GLY A 378 -10.56 30.22 -13.97
C GLY A 378 -10.09 31.25 -12.97
N VAL A 379 -10.26 30.95 -11.69
CA VAL A 379 -9.83 31.85 -10.61
C VAL A 379 -8.38 31.55 -10.27
N SER A 380 -7.74 32.46 -9.53
CA SER A 380 -6.40 32.26 -9.03
C SER A 380 -6.46 31.75 -7.60
N PRO A 381 -5.66 30.75 -7.23
CA PRO A 381 -5.82 30.13 -5.90
C PRO A 381 -5.61 31.09 -4.75
N THR A 382 -4.74 32.10 -4.92
CA THR A 382 -4.45 33.01 -3.82
C THR A 382 -5.61 33.93 -3.47
N LYS A 383 -6.60 34.06 -4.34
CA LYS A 383 -7.75 34.93 -4.11
C LYS A 383 -9.04 34.13 -4.05
N LEU A 384 -9.00 32.98 -3.39
CA LEU A 384 -10.18 32.14 -3.19
C LEU A 384 -10.86 32.38 -1.85
N ASN A 385 -10.37 33.33 -1.06
CA ASN A 385 -10.88 33.56 0.29
C ASN A 385 -11.87 34.72 0.38
N ASP A 386 -12.21 35.36 -0.75
CA ASP A 386 -13.15 36.48 -0.74
C ASP A 386 -14.12 36.39 -1.91
N LEU A 387 -14.65 35.20 -2.18
CA LEU A 387 -15.58 34.98 -3.28
C LEU A 387 -16.78 34.19 -2.77
N CYS A 388 -17.93 34.40 -3.40
CA CYS A 388 -19.14 33.65 -3.10
C CYS A 388 -19.52 32.79 -4.27
N PHE A 389 -19.87 31.53 -3.99
CA PHE A 389 -20.14 30.53 -5.02
C PHE A 389 -21.61 30.12 -4.92
N THR A 390 -22.24 29.91 -6.08
CA THR A 390 -23.64 29.51 -6.08
C THR A 390 -23.83 28.07 -5.64
N ASN A 391 -22.83 27.21 -5.87
CA ASN A 391 -22.82 25.82 -5.40
C ASN A 391 -21.45 25.23 -5.70
N VAL A 392 -21.07 24.20 -4.95
CA VAL A 392 -19.78 23.56 -5.17
C VAL A 392 -20.03 22.08 -5.46
N TYR A 393 -19.24 21.51 -6.37
CA TYR A 393 -19.31 20.09 -6.68
C TYR A 393 -17.90 19.50 -6.64
N ALA A 394 -17.77 18.33 -6.04
CA ALA A 394 -16.49 17.65 -5.90
C ALA A 394 -16.58 16.26 -6.52
N ASP A 395 -15.60 15.92 -7.34
CA ASP A 395 -15.53 14.62 -7.99
C ASP A 395 -14.19 13.98 -7.66
N SER A 396 -14.22 12.80 -7.05
CA SER A 396 -13.00 12.15 -6.56
C SER A 396 -12.86 10.77 -7.16
N PHE A 397 -11.64 10.40 -7.52
CA PHE A 397 -11.35 9.07 -8.04
C PHE A 397 -9.84 8.83 -7.95
N VAL A 398 -9.39 7.72 -8.53
CA VAL A 398 -7.97 7.36 -8.55
C VAL A 398 -7.61 6.90 -9.97
N ILE A 399 -6.49 7.40 -10.48
CA ILE A 399 -6.02 7.08 -11.83
C ILE A 399 -4.52 6.86 -11.80
N ARG A 400 -4.02 6.27 -12.89
CA ARG A 400 -2.59 6.03 -13.03
C ARG A 400 -1.84 7.35 -13.16
N GLY A 401 -0.54 7.31 -12.82
CA GLY A 401 0.27 8.52 -12.88
C GLY A 401 0.42 9.04 -14.30
N ASP A 402 0.69 8.15 -15.26
CA ASP A 402 0.93 8.57 -16.63
C ASP A 402 -0.27 9.30 -17.24
N GLU A 403 -1.46 9.10 -16.69
CA GLU A 403 -2.67 9.75 -17.19
C GLU A 403 -3.08 10.97 -16.38
N VAL A 404 -2.30 11.35 -15.36
CA VAL A 404 -2.70 12.46 -14.51
C VAL A 404 -2.77 13.77 -15.28
N ARG A 405 -2.12 13.85 -16.44
CA ARG A 405 -2.16 15.04 -17.27
C ARG A 405 -3.35 15.08 -18.22
N GLN A 406 -4.22 14.06 -18.19
CA GLN A 406 -5.37 13.99 -19.07
C GLN A 406 -6.63 14.51 -18.40
N ILE A 407 -6.50 15.46 -17.48
CA ILE A 407 -7.64 16.03 -16.78
C ILE A 407 -7.92 17.47 -17.21
N ALA A 408 -6.93 18.20 -17.69
CA ALA A 408 -7.15 19.56 -18.16
C ALA A 408 -8.10 19.54 -19.36
N PRO A 409 -8.94 20.57 -19.51
CA PRO A 409 -9.92 20.58 -20.59
C PRO A 409 -9.26 20.60 -21.96
N GLY A 410 -9.92 19.97 -22.94
CA GLY A 410 -9.43 19.93 -24.29
C GLY A 410 -8.47 18.81 -24.60
N GLN A 411 -8.07 18.02 -23.61
CA GLN A 411 -7.18 16.91 -23.85
C GLN A 411 -7.95 15.68 -24.32
N THR A 412 -7.24 14.78 -24.99
CA THR A 412 -7.83 13.54 -25.50
C THR A 412 -6.97 12.36 -25.07
N GLY A 413 -7.56 11.18 -25.14
CA GLY A 413 -6.88 9.96 -24.74
C GLY A 413 -7.87 8.83 -24.53
N ASN A 414 -7.51 7.93 -23.62
CA ASN A 414 -8.34 6.77 -23.29
C ASN A 414 -8.91 6.85 -21.88
N ILE A 415 -8.74 7.98 -21.19
CA ILE A 415 -9.32 8.17 -19.87
C ILE A 415 -10.17 9.41 -19.87
N ALA A 416 -9.88 10.35 -20.78
CA ALA A 416 -10.67 11.56 -20.93
C ALA A 416 -11.72 11.43 -22.03
N ASP A 417 -11.72 10.34 -22.79
CA ASP A 417 -12.71 10.13 -23.85
C ASP A 417 -13.80 9.15 -23.44
N TYR A 418 -13.55 8.27 -22.48
CA TYR A 418 -14.51 7.26 -22.10
C TYR A 418 -14.84 7.25 -20.61
N ASN A 419 -14.17 8.04 -19.80
CA ASN A 419 -14.43 7.97 -18.37
C ASN A 419 -14.83 9.29 -17.74
N TYR A 420 -14.15 10.38 -18.07
CA TYR A 420 -14.40 11.66 -17.40
C TYR A 420 -13.89 12.77 -18.30
N LYS A 421 -14.81 13.53 -18.89
CA LYS A 421 -14.46 14.61 -19.80
C LYS A 421 -14.89 15.94 -19.21
N LEU A 422 -14.03 16.96 -19.35
CA LEU A 422 -14.30 18.28 -18.82
C LEU A 422 -14.69 19.25 -19.92
N PRO A 423 -15.58 20.19 -19.65
CA PRO A 423 -15.95 21.19 -20.66
C PRO A 423 -14.80 22.15 -20.93
N ASP A 424 -14.82 22.73 -22.13
CA ASP A 424 -13.76 23.63 -22.55
C ASP A 424 -13.74 24.92 -21.73
N ASP A 425 -14.89 25.41 -21.28
CA ASP A 425 -15.00 26.63 -20.49
C ASP A 425 -15.01 26.35 -18.99
N PHE A 426 -14.44 25.20 -18.61
CA PHE A 426 -14.44 24.78 -17.22
C PHE A 426 -13.71 25.78 -16.33
N THR A 427 -14.29 26.07 -15.18
CA THR A 427 -13.67 26.93 -14.16
C THR A 427 -13.65 26.18 -12.83
N GLY A 428 -12.51 26.21 -12.16
CA GLY A 428 -12.36 25.49 -10.92
C GLY A 428 -10.90 25.12 -10.70
N CYS A 429 -10.69 24.23 -9.74
CA CYS A 429 -9.36 23.79 -9.34
C CYS A 429 -9.32 22.26 -9.29
N VAL A 430 -8.18 21.70 -9.69
CA VAL A 430 -7.94 20.27 -9.66
C VAL A 430 -6.75 20.00 -8.75
N ILE A 431 -6.87 18.96 -7.92
CA ILE A 431 -5.83 18.55 -6.98
C ILE A 431 -5.55 17.08 -7.20
N ALA A 432 -4.28 16.71 -7.16
CA ALA A 432 -3.89 15.32 -7.38
C ALA A 432 -2.62 15.04 -6.60
N TRP A 433 -2.56 13.85 -5.99
CA TRP A 433 -1.36 13.51 -5.23
C TRP A 433 -1.14 11.99 -5.25
N ASN A 434 0.12 11.61 -5.07
CA ASN A 434 0.50 10.20 -5.06
C ASN A 434 -0.02 9.52 -3.81
N SER A 435 -0.49 8.28 -3.97
CA SER A 435 -1.07 7.53 -2.87
C SER A 435 -0.63 6.07 -2.89
N ASN A 436 0.60 5.80 -3.33
CA ASN A 436 1.08 4.42 -3.38
C ASN A 436 1.17 3.78 -2.01
N LYS A 437 1.24 4.58 -0.95
CA LYS A 437 1.39 4.05 0.40
C LYS A 437 0.13 3.36 0.90
N LEU A 438 -1.03 3.65 0.31
CA LEU A 438 -2.31 3.16 0.83
C LEU A 438 -2.99 2.19 -0.13
N ASP A 439 -3.24 2.59 -1.37
CA ASP A 439 -4.08 1.82 -2.27
C ASP A 439 -3.36 0.65 -2.94
N SER A 440 -2.05 0.53 -2.76
CA SER A 440 -1.30 -0.54 -3.40
C SER A 440 -1.40 -1.84 -2.61
N LYS A 441 -1.16 -2.95 -3.31
CA LYS A 441 -1.13 -4.27 -2.71
C LYS A 441 0.22 -4.93 -3.00
N VAL A 442 0.48 -6.02 -2.28
CA VAL A 442 1.80 -6.64 -2.33
C VAL A 442 2.07 -7.24 -3.69
N SER A 443 1.04 -7.70 -4.40
CA SER A 443 1.21 -8.24 -5.75
C SER A 443 0.22 -7.63 -6.75
N GLY A 444 -0.45 -6.54 -6.38
CA GLY A 444 -1.38 -5.90 -7.28
C GLY A 444 -2.78 -5.83 -6.71
N ASN A 445 -3.53 -4.78 -7.07
CA ASN A 445 -4.90 -4.59 -6.61
C ASN A 445 -5.82 -4.70 -7.82
N TYR A 446 -6.78 -5.62 -7.74
CA TYR A 446 -7.64 -5.94 -8.87
C TYR A 446 -9.07 -5.44 -8.70
N ASN A 447 -9.32 -4.57 -7.73
CA ASN A 447 -10.66 -4.05 -7.48
C ASN A 447 -10.84 -2.63 -8.01
N TYR A 448 -9.94 -2.18 -8.88
CA TYR A 448 -10.05 -0.87 -9.53
C TYR A 448 -10.22 -1.09 -11.02
N LEU A 449 -11.26 -0.50 -11.60
CA LEU A 449 -11.63 -0.77 -12.97
C LEU A 449 -11.64 0.51 -13.80
N TYR A 450 -11.52 0.35 -15.10
CA TYR A 450 -11.58 1.47 -16.03
C TYR A 450 -12.03 0.97 -17.39
N ARG A 451 -12.80 1.80 -18.10
CA ARG A 451 -13.31 1.44 -19.41
C ARG A 451 -12.21 1.53 -20.45
N LEU A 452 -12.29 0.65 -21.45
CA LEU A 452 -11.29 0.61 -22.52
C LEU A 452 -11.96 0.58 -23.89
N PHE A 453 -13.19 0.09 -23.96
CA PHE A 453 -13.92 -0.05 -25.20
C PHE A 453 -15.21 0.75 -25.15
N ARG A 454 -15.47 1.52 -26.20
CA ARG A 454 -16.74 2.23 -26.33
C ARG A 454 -16.92 2.61 -27.80
N LYS A 455 -18.17 2.88 -28.16
CA LYS A 455 -18.52 3.18 -29.55
C LYS A 455 -18.34 4.64 -29.92
N SER A 456 -18.36 5.56 -28.95
CA SER A 456 -18.26 6.97 -29.26
C SER A 456 -17.74 7.72 -28.05
N ASN A 457 -17.14 8.89 -28.29
CA ASN A 457 -16.72 9.76 -27.21
C ASN A 457 -17.94 10.33 -26.49
N LEU A 458 -17.79 10.55 -25.18
CA LEU A 458 -18.89 11.00 -24.35
C LEU A 458 -18.84 12.51 -24.17
N LYS A 459 -20.02 13.12 -24.09
CA LYS A 459 -20.13 14.55 -23.85
C LYS A 459 -19.70 14.87 -22.42
N PRO A 460 -19.29 16.13 -22.17
CA PRO A 460 -18.67 16.45 -20.88
C PRO A 460 -19.55 16.10 -19.69
N PHE A 461 -18.91 15.63 -18.61
CA PHE A 461 -19.57 15.34 -17.34
C PHE A 461 -20.66 14.29 -17.48
N GLU A 462 -20.37 13.22 -18.22
CA GLU A 462 -21.30 12.12 -18.42
C GLU A 462 -20.74 10.84 -17.82
N ARG A 463 -21.59 10.12 -17.09
CA ARG A 463 -21.21 8.89 -16.41
C ARG A 463 -21.95 7.71 -17.02
N ASP A 464 -21.23 6.62 -17.27
CA ASP A 464 -21.80 5.42 -17.88
C ASP A 464 -21.53 4.22 -16.97
N ILE A 465 -22.54 3.36 -16.84
CA ILE A 465 -22.46 2.20 -15.96
C ILE A 465 -22.66 0.88 -16.68
N SER A 466 -23.38 0.88 -17.82
CA SER A 466 -23.70 -0.38 -18.49
C SER A 466 -22.44 -1.08 -18.97
N THR A 467 -22.43 -2.40 -18.85
CA THR A 467 -21.30 -3.24 -19.23
C THR A 467 -21.74 -4.34 -20.20
N GLU A 468 -22.50 -3.95 -21.21
CA GLU A 468 -22.96 -4.92 -22.21
C GLU A 468 -21.80 -5.38 -23.08
N ILE A 469 -21.91 -6.62 -23.57
CA ILE A 469 -20.88 -7.22 -24.41
C ILE A 469 -20.73 -6.40 -25.68
N TYR A 470 -19.55 -5.82 -25.88
CA TYR A 470 -19.31 -4.89 -26.98
C TYR A 470 -18.73 -5.67 -28.16
N GLN A 471 -19.52 -5.80 -29.22
CA GLN A 471 -19.07 -6.50 -30.41
C GLN A 471 -18.25 -5.57 -31.30
N ALA A 472 -17.11 -6.06 -31.77
CA ALA A 472 -16.17 -5.25 -32.55
C ALA A 472 -16.30 -5.47 -34.05
N GLY A 473 -16.29 -6.72 -34.49
CA GLY A 473 -16.39 -7.04 -35.90
C GLY A 473 -17.80 -6.88 -36.44
N ASN A 474 -17.93 -7.16 -37.73
CA ASN A 474 -19.24 -7.04 -38.38
C ASN A 474 -20.22 -8.09 -37.85
N LYS A 475 -19.72 -9.26 -37.49
CA LYS A 475 -20.59 -10.34 -37.02
C LYS A 475 -21.23 -9.96 -35.68
N PRO A 476 -22.55 -10.08 -35.54
CA PRO A 476 -23.17 -9.78 -34.24
C PRO A 476 -22.72 -10.75 -33.16
N CYS A 477 -22.68 -10.25 -31.94
CA CYS A 477 -22.25 -11.02 -30.78
C CYS A 477 -23.37 -11.13 -29.76
N ASN A 478 -23.26 -12.12 -28.90
CA ASN A 478 -24.23 -12.37 -27.84
C ASN A 478 -23.62 -13.37 -26.87
N GLY A 479 -24.35 -13.67 -25.80
CA GLY A 479 -23.92 -14.66 -24.83
C GLY A 479 -22.62 -14.31 -24.14
N VAL A 480 -21.57 -15.07 -24.45
CA VAL A 480 -20.28 -14.89 -23.82
C VAL A 480 -19.34 -14.15 -24.78
N ALA A 481 -18.26 -13.62 -24.23
CA ALA A 481 -17.28 -12.88 -25.02
C ALA A 481 -16.34 -13.87 -25.72
N GLY A 482 -15.27 -13.35 -26.32
CA GLY A 482 -14.30 -14.20 -26.99
C GLY A 482 -13.68 -13.58 -28.22
N PHE A 483 -13.74 -14.28 -29.35
CA PHE A 483 -13.18 -13.79 -30.59
C PHE A 483 -13.89 -12.53 -31.05
N ASN A 484 -13.17 -11.41 -31.04
CA ASN A 484 -13.68 -10.08 -31.42
C ASN A 484 -14.84 -9.63 -30.54
N CYS A 485 -15.11 -10.33 -29.44
CA CYS A 485 -16.12 -9.93 -28.46
C CYS A 485 -15.40 -9.64 -27.16
N TYR A 486 -15.34 -8.38 -26.76
CA TYR A 486 -14.51 -7.95 -25.66
C TYR A 486 -15.36 -7.40 -24.51
N PHE A 487 -14.91 -7.65 -23.30
CA PHE A 487 -15.50 -7.04 -22.12
C PHE A 487 -15.08 -5.58 -22.07
N PRO A 488 -16.01 -4.63 -21.99
CA PRO A 488 -15.64 -3.22 -22.16
C PRO A 488 -14.94 -2.61 -20.94
N LEU A 489 -14.49 -3.45 -20.01
CA LEU A 489 -13.80 -2.97 -18.82
C LEU A 489 -12.45 -3.64 -18.70
N ARG A 490 -11.60 -3.08 -17.84
CA ARG A 490 -10.31 -3.68 -17.53
C ARG A 490 -9.93 -3.27 -16.12
N SER A 491 -8.97 -4.00 -15.55
CA SER A 491 -8.57 -3.82 -14.16
C SER A 491 -7.13 -3.32 -14.08
N TYR A 492 -6.84 -2.56 -13.03
CA TYR A 492 -5.51 -2.07 -12.77
C TYR A 492 -4.71 -3.10 -11.98
N SER A 493 -3.46 -2.76 -11.68
CA SER A 493 -2.61 -3.61 -10.85
C SER A 493 -1.53 -2.71 -10.25
N PHE A 494 -1.64 -2.46 -8.95
CA PHE A 494 -0.76 -1.53 -8.25
C PHE A 494 0.15 -2.29 -7.29
N ARG A 495 1.46 -2.15 -7.48
CA ARG A 495 2.47 -2.79 -6.67
C ARG A 495 3.49 -1.77 -6.20
N PRO A 496 4.16 -2.01 -5.07
CA PRO A 496 5.18 -1.06 -4.60
C PRO A 496 6.49 -1.18 -5.36
N THR A 497 6.49 -1.93 -6.47
CA THR A 497 7.71 -2.18 -7.23
C THR A 497 7.79 -1.42 -8.54
N TYR A 498 6.67 -0.92 -9.07
CA TYR A 498 6.72 -0.14 -10.30
C TYR A 498 7.39 1.20 -10.06
N GLY A 499 7.98 1.74 -11.12
CA GLY A 499 8.59 3.06 -11.05
C GLY A 499 7.55 4.15 -11.06
N VAL A 500 8.03 5.39 -10.95
CA VAL A 500 7.14 6.54 -10.98
C VAL A 500 6.41 6.59 -12.32
N GLY A 501 5.09 6.79 -12.25
CA GLY A 501 4.25 6.75 -13.43
C GLY A 501 3.26 5.61 -13.45
N HIS A 502 3.28 4.73 -12.45
CA HIS A 502 2.30 3.66 -12.35
C HIS A 502 1.65 3.57 -10.98
N GLN A 503 2.13 4.31 -9.99
CA GLN A 503 1.50 4.30 -8.67
C GLN A 503 0.11 4.91 -8.76
N PRO A 504 -0.82 4.47 -7.90
CA PRO A 504 -2.17 5.03 -7.92
C PRO A 504 -2.19 6.46 -7.40
N TYR A 505 -2.52 7.40 -8.28
CA TYR A 505 -2.62 8.81 -7.92
C TYR A 505 -4.09 9.17 -7.68
N ARG A 506 -4.36 9.78 -6.53
CA ARG A 506 -5.71 10.17 -6.16
C ARG A 506 -5.98 11.59 -6.63
N VAL A 507 -7.15 11.78 -7.26
CA VAL A 507 -7.50 13.02 -7.92
C VAL A 507 -8.85 13.50 -7.40
N VAL A 508 -8.93 14.79 -7.08
CA VAL A 508 -10.18 15.45 -6.70
C VAL A 508 -10.33 16.71 -7.53
N VAL A 509 -11.50 16.89 -8.14
CA VAL A 509 -11.77 18.00 -9.04
C VAL A 509 -12.95 18.80 -8.48
N LEU A 510 -12.78 20.11 -8.41
CA LEU A 510 -13.82 21.01 -7.89
C LEU A 510 -14.42 21.80 -9.05
N SER A 511 -15.74 21.94 -9.03
CA SER A 511 -16.47 22.71 -10.04
C SER A 511 -17.43 23.66 -9.34
N PHE A 512 -17.58 24.86 -9.90
CA PHE A 512 -18.42 25.89 -9.30
C PHE A 512 -18.60 27.03 -10.30
N GLU A 513 -19.70 27.77 -10.12
CA GLU A 513 -20.00 28.95 -10.92
C GLU A 513 -20.03 30.18 -10.01
N LEU A 514 -19.79 31.34 -10.62
CA LEU A 514 -19.48 32.56 -9.89
C LEU A 514 -20.52 33.64 -10.11
N LEU A 515 -21.15 34.08 -9.03
CA LEU A 515 -21.83 35.37 -8.92
C LEU A 515 -22.90 35.55 -10.01
N HIS A 516 -23.96 34.75 -9.90
CA HIS A 516 -25.16 35.00 -10.67
C HIS A 516 -26.45 34.67 -9.92
N ALA A 517 -26.38 34.16 -8.69
CA ALA A 517 -27.57 33.72 -7.97
C ALA A 517 -27.34 33.91 -6.48
N PRO A 518 -28.39 33.80 -5.64
CA PRO A 518 -28.16 33.83 -4.19
C PRO A 518 -27.15 32.79 -3.76
N ALA A 519 -25.99 33.25 -3.28
CA ALA A 519 -24.87 32.36 -3.01
C ALA A 519 -25.06 31.58 -1.72
N THR A 520 -24.83 30.28 -1.77
CA THR A 520 -24.98 29.44 -0.58
C THR A 520 -23.65 29.19 0.11
N VAL A 521 -22.56 29.18 -0.66
CA VAL A 521 -21.22 28.96 -0.13
C VAL A 521 -20.46 30.28 -0.21
N CYS A 522 -19.95 30.73 0.93
CA CYS A 522 -19.22 31.99 1.00
C CYS A 522 -18.16 31.91 2.08
N GLY A 523 -17.03 32.57 1.83
CA GLY A 523 -16.02 32.71 2.84
C GLY A 523 -16.33 33.83 3.81
N PRO A 524 -15.41 34.09 4.73
CA PRO A 524 -15.57 35.23 5.63
C PRO A 524 -15.65 36.52 4.85
N LYS A 525 -16.56 37.41 5.28
CA LYS A 525 -16.89 38.58 4.49
C LYS A 525 -16.65 39.86 5.28
N LYS A 526 -16.62 40.98 4.55
CA LYS A 526 -16.41 42.30 5.11
C LYS A 526 -17.51 43.25 4.65
N SER A 527 -18.72 42.72 4.51
CA SER A 527 -19.86 43.50 4.02
C SER A 527 -20.15 44.71 4.90
N GLN B 1 -2.91 -2.75 25.13
CA GLN B 1 -1.69 -2.46 24.37
C GLN B 1 -1.57 -3.42 23.20
N ILE B 2 -0.80 -3.03 22.19
CA ILE B 2 -0.62 -3.85 21.00
C ILE B 2 0.23 -5.06 21.34
N THR B 3 -0.36 -6.25 21.23
CA THR B 3 0.33 -7.50 21.54
C THR B 3 -0.05 -8.55 20.51
N LEU B 4 0.89 -9.46 20.26
CA LEU B 4 0.70 -10.60 19.37
C LEU B 4 1.02 -11.88 20.14
N LYS B 5 0.18 -12.90 19.97
CA LYS B 5 0.37 -14.17 20.64
C LYS B 5 0.10 -15.31 19.66
N GLU B 6 0.74 -16.45 19.90
CA GLU B 6 0.61 -17.62 19.05
C GLU B 6 0.19 -18.82 19.90
N SER B 7 -0.54 -19.73 19.27
CA SER B 7 -1.04 -20.92 19.95
C SER B 7 -1.12 -22.08 18.99
N GLY B 8 -0.62 -23.24 19.43
CA GLY B 8 -0.57 -24.42 18.60
C GLY B 8 0.18 -25.55 19.27
N PRO B 9 0.49 -26.61 18.51
CA PRO B 9 1.21 -27.73 19.07
C PRO B 9 2.73 -27.70 18.94
N THR B 10 3.36 -28.78 19.40
CA THR B 10 4.82 -28.91 19.33
C THR B 10 5.28 -30.20 18.68
N LEU B 11 4.50 -31.26 18.76
CA LEU B 11 4.84 -32.56 18.17
C LEU B 11 3.75 -32.93 17.16
N VAL B 12 4.10 -32.96 15.89
CA VAL B 12 3.17 -33.24 14.81
C VAL B 12 3.69 -34.42 13.99
N LYS B 13 2.82 -35.37 13.70
CA LYS B 13 3.20 -36.52 12.90
C LYS B 13 3.29 -36.13 11.43
N PRO B 14 4.12 -36.83 10.66
CA PRO B 14 4.26 -36.49 9.23
C PRO B 14 2.95 -36.58 8.45
N THR B 15 2.08 -37.54 8.78
CA THR B 15 0.82 -37.66 8.06
C THR B 15 -0.17 -36.60 8.50
N GLN B 16 0.02 -36.06 9.70
CA GLN B 16 -0.91 -35.07 10.23
C GLN B 16 -0.74 -33.73 9.53
N THR B 17 -1.71 -32.84 9.74
CA THR B 17 -1.68 -31.49 9.19
C THR B 17 -1.49 -30.48 10.32
N LEU B 18 -0.44 -29.68 10.22
CA LEU B 18 -0.17 -28.67 11.23
C LEU B 18 -1.22 -27.57 11.20
N THR B 19 -1.66 -27.16 12.38
CA THR B 19 -2.58 -26.03 12.55
C THR B 19 -1.99 -25.08 13.59
N LEU B 20 -2.15 -23.78 13.36
CA LEU B 20 -1.61 -22.77 14.25
C LEU B 20 -2.51 -21.55 14.23
N THR B 21 -2.53 -20.81 15.34
CA THR B 21 -3.41 -19.66 15.49
C THR B 21 -2.62 -18.49 16.06
N CYS B 22 -3.02 -17.28 15.66
CA CYS B 22 -2.41 -16.06 16.17
C CYS B 22 -3.50 -15.11 16.61
N ASN B 23 -3.30 -14.50 17.78
CA ASN B 23 -4.20 -13.51 18.36
C ASN B 23 -3.51 -12.16 18.39
N PHE B 24 -4.23 -11.11 17.99
CA PHE B 24 -3.72 -9.76 17.95
C PHE B 24 -4.60 -8.84 18.78
N SER B 25 -3.98 -7.94 19.52
CA SER B 25 -4.73 -7.02 20.38
C SER B 25 -4.17 -5.61 20.20
N GLY B 26 -5.03 -4.68 19.80
CA GLY B 26 -4.60 -3.30 19.64
C GLY B 26 -5.17 -2.62 18.41
N PHE B 27 -5.79 -3.39 17.54
CA PHE B 27 -6.42 -2.88 16.32
C PHE B 27 -7.36 -3.95 15.80
N SER B 28 -7.90 -3.72 14.60
CA SER B 28 -8.75 -4.68 13.93
C SER B 28 -8.25 -4.90 12.51
N LEU B 29 -8.38 -6.13 12.03
CA LEU B 29 -7.98 -6.44 10.66
C LEU B 29 -8.90 -5.80 9.64
N ASN B 30 -10.11 -5.41 10.04
CA ASN B 30 -11.07 -4.82 9.11
C ASN B 30 -10.62 -3.44 8.62
N THR B 31 -9.71 -2.78 9.32
CA THR B 31 -9.29 -1.45 8.92
C THR B 31 -8.57 -1.50 7.57
N TYR B 32 -8.73 -0.41 6.81
CA TYR B 32 -8.24 -0.36 5.44
C TYR B 32 -6.73 -0.21 5.42
N GLY B 33 -6.02 -1.27 5.05
CA GLY B 33 -4.58 -1.18 4.85
C GLY B 33 -3.76 -2.23 5.58
N VAL B 34 -4.19 -2.62 6.77
CA VAL B 34 -3.40 -3.50 7.63
C VAL B 34 -3.56 -4.94 7.16
N GLY B 35 -2.45 -5.68 7.16
CA GLY B 35 -2.48 -7.10 6.87
C GLY B 35 -1.77 -7.88 7.97
N VAL B 36 -1.91 -9.20 7.90
CA VAL B 36 -1.28 -10.10 8.87
C VAL B 36 -0.53 -11.19 8.11
N GLY B 37 0.75 -11.37 8.42
CA GLY B 37 1.57 -12.33 7.73
C GLY B 37 2.21 -13.32 8.69
N TRP B 38 2.68 -14.43 8.13
CA TRP B 38 3.30 -15.50 8.90
C TRP B 38 4.73 -15.71 8.44
N ILE B 39 5.64 -15.87 9.40
CA ILE B 39 7.06 -16.05 9.13
C ILE B 39 7.58 -17.26 9.89
N ARG B 40 8.25 -18.16 9.18
CA ARG B 40 8.86 -19.33 9.80
C ARG B 40 10.37 -19.28 9.62
N GLN B 41 11.09 -19.82 10.60
CA GLN B 41 12.54 -19.91 10.53
C GLN B 41 13.00 -21.27 11.00
N PRO B 42 13.57 -22.09 10.12
CA PRO B 42 14.17 -23.35 10.55
C PRO B 42 15.50 -23.10 11.24
N PRO B 43 15.77 -23.80 12.35
CA PRO B 43 17.06 -23.62 13.03
C PRO B 43 18.23 -23.94 12.12
N GLY B 44 19.29 -23.14 12.24
CA GLY B 44 20.47 -23.30 11.42
C GLY B 44 20.44 -22.51 10.12
N LYS B 45 19.33 -21.87 9.79
CA LYS B 45 19.23 -21.08 8.57
C LYS B 45 18.39 -19.83 8.87
N ALA B 46 17.99 -19.14 7.81
CA ALA B 46 17.30 -17.87 7.94
C ALA B 46 15.80 -18.09 8.14
N LEU B 47 15.03 -17.00 8.15
CA LEU B 47 13.59 -17.08 8.25
C LEU B 47 12.98 -17.32 6.87
N GLU B 48 11.65 -17.37 6.81
CA GLU B 48 10.96 -17.64 5.55
C GLU B 48 9.57 -17.00 5.60
N TRP B 49 9.05 -16.68 4.43
CA TRP B 49 7.72 -16.09 4.29
C TRP B 49 6.75 -17.15 3.81
N LEU B 50 5.64 -17.32 4.54
CA LEU B 50 4.65 -18.33 4.21
C LEU B 50 3.43 -17.75 3.51
N ALA B 51 2.73 -16.82 4.16
CA ALA B 51 1.50 -16.27 3.60
C ALA B 51 1.15 -14.99 4.32
N LEU B 52 0.15 -14.28 3.79
CA LEU B 52 -0.36 -13.05 4.37
C LEU B 52 -1.81 -12.89 3.98
N ILE B 53 -2.56 -12.18 4.83
CA ILE B 53 -3.99 -11.98 4.68
C ILE B 53 -4.30 -10.50 4.81
N TYR B 54 -5.20 -10.00 3.96
CA TYR B 54 -5.60 -8.61 3.91
C TYR B 54 -7.01 -8.42 4.48
N TRP B 55 -7.42 -7.15 4.49
CA TRP B 55 -8.68 -6.77 5.13
C TRP B 55 -9.89 -7.28 4.35
N ASP B 56 -9.82 -7.25 3.02
CA ASP B 56 -10.97 -7.54 2.16
C ASP B 56 -10.83 -8.88 1.43
N GLY B 57 -10.32 -9.88 2.13
CA GLY B 57 -10.25 -11.22 1.59
C GLY B 57 -9.37 -11.38 0.36
N ASP B 58 -8.15 -10.85 0.44
CA ASP B 58 -7.15 -11.03 -0.60
C ASP B 58 -6.06 -11.94 -0.05
N GLU B 59 -5.69 -12.95 -0.81
CA GLU B 59 -4.80 -13.99 -0.32
C GLU B 59 -3.56 -14.09 -1.20
N ARG B 60 -2.39 -14.09 -0.55
CA ARG B 60 -1.11 -14.24 -1.23
C ARG B 60 -0.29 -15.27 -0.48
N TYR B 61 -0.02 -16.39 -1.12
CA TYR B 61 0.75 -17.48 -0.54
C TYR B 61 2.17 -17.51 -1.11
N GLY B 62 3.01 -18.34 -0.49
CA GLY B 62 4.36 -18.53 -0.95
C GLY B 62 4.39 -19.14 -2.33
N PRO B 63 5.36 -18.72 -3.16
CA PRO B 63 5.41 -19.21 -4.55
C PRO B 63 5.66 -20.70 -4.67
N PHE B 64 6.21 -21.34 -3.64
CA PHE B 64 6.55 -22.76 -3.71
C PHE B 64 5.62 -23.66 -2.92
N PHE B 65 4.70 -23.09 -2.14
CA PHE B 65 3.79 -23.87 -1.30
C PHE B 65 2.36 -23.41 -1.52
N LYS B 66 1.97 -23.23 -2.78
CA LYS B 66 0.61 -22.80 -3.10
C LYS B 66 -0.41 -23.86 -2.72
N ASN B 67 -0.09 -25.14 -2.94
CA ASN B 67 -1.04 -26.23 -2.80
C ASN B 67 -1.04 -26.85 -1.40
N LYS B 68 -0.28 -26.29 -0.46
CA LYS B 68 -0.12 -26.92 0.84
C LYS B 68 -0.59 -26.07 2.00
N VAL B 69 -0.48 -24.74 1.91
CA VAL B 69 -0.84 -23.87 3.02
C VAL B 69 -2.21 -23.27 2.75
N THR B 70 -2.88 -22.88 3.84
CA THR B 70 -4.19 -22.23 3.75
C THR B 70 -4.41 -21.44 5.02
N ILE B 71 -4.74 -20.15 4.87
CA ILE B 71 -4.94 -19.27 6.01
C ILE B 71 -6.33 -18.65 5.93
N ALA B 72 -6.84 -18.26 7.09
CA ALA B 72 -8.16 -17.65 7.19
C ALA B 72 -8.18 -16.75 8.41
N LYS B 73 -9.21 -15.90 8.47
CA LYS B 73 -9.32 -14.90 9.52
C LYS B 73 -10.68 -14.98 10.20
N ASP B 74 -10.73 -14.45 11.42
CA ASP B 74 -11.98 -14.35 12.18
C ASP B 74 -11.86 -13.07 13.02
N THR B 75 -12.40 -11.97 12.48
CA THR B 75 -12.34 -10.69 13.15
C THR B 75 -13.32 -10.57 14.29
N SER B 76 -14.36 -11.41 14.33
CA SER B 76 -15.27 -11.44 15.47
C SER B 76 -14.59 -12.03 16.71
N LYS B 77 -13.52 -12.80 16.53
CA LYS B 77 -12.77 -13.38 17.63
C LYS B 77 -11.33 -12.89 17.65
N ASN B 78 -10.94 -12.00 16.73
CA ASN B 78 -9.59 -11.46 16.65
C ASN B 78 -8.55 -12.57 16.50
N GLN B 79 -8.84 -13.53 15.64
CA GLN B 79 -7.97 -14.69 15.43
C GLN B 79 -7.60 -14.83 13.96
N VAL B 80 -6.42 -15.39 13.71
CA VAL B 80 -6.02 -15.79 12.37
C VAL B 80 -5.49 -17.22 12.43
N VAL B 81 -5.89 -18.04 11.48
CA VAL B 81 -5.62 -19.47 11.49
C VAL B 81 -4.80 -19.84 10.25
N LEU B 82 -3.79 -20.68 10.46
CA LEU B 82 -2.93 -21.20 9.41
C LEU B 82 -2.94 -22.73 9.47
N THR B 83 -3.04 -23.37 8.31
CA THR B 83 -3.04 -24.83 8.22
C THR B 83 -2.09 -25.24 7.11
N MET B 84 -1.26 -26.24 7.38
CA MET B 84 -0.29 -26.76 6.43
C MET B 84 -0.36 -28.28 6.45
N THR B 85 -0.03 -28.91 5.32
CA THR B 85 -0.12 -30.35 5.18
C THR B 85 1.25 -30.96 4.92
N ASN B 86 1.25 -32.26 4.63
CA ASN B 86 2.44 -33.06 4.30
C ASN B 86 3.67 -32.65 5.12
N MET B 87 3.57 -32.82 6.43
CA MET B 87 4.72 -32.61 7.31
C MET B 87 5.91 -33.46 6.88
N ASP B 88 7.09 -32.86 6.92
CA ASP B 88 8.36 -33.51 6.66
C ASP B 88 9.34 -33.05 7.73
N PRO B 89 10.28 -33.93 8.13
CA PRO B 89 11.19 -33.57 9.24
C PRO B 89 11.96 -32.27 9.04
N VAL B 90 12.02 -31.74 7.81
CA VAL B 90 12.75 -30.49 7.59
C VAL B 90 11.90 -29.29 8.01
N ASP B 91 10.63 -29.52 8.32
CA ASP B 91 9.72 -28.41 8.61
C ASP B 91 9.88 -27.93 10.04
N THR B 92 10.74 -28.58 10.82
CA THR B 92 11.03 -28.14 12.18
C THR B 92 11.47 -26.68 12.17
N ALA B 93 10.70 -25.80 12.81
CA ALA B 93 10.99 -24.38 12.71
C ALA B 93 10.28 -23.62 13.81
N THR B 94 10.70 -22.38 14.02
CA THR B 94 10.03 -21.44 14.91
C THR B 94 9.14 -20.52 14.09
N TYR B 95 7.90 -20.35 14.53
CA TYR B 95 6.89 -19.64 13.75
C TYR B 95 6.47 -18.36 14.46
N TYR B 96 6.15 -17.35 13.67
CA TYR B 96 5.82 -16.01 14.14
C TYR B 96 4.67 -15.47 13.31
N CYS B 97 3.84 -14.64 13.93
CA CYS B 97 2.81 -13.88 13.22
C CYS B 97 3.09 -12.40 13.42
N ALA B 98 2.95 -11.63 12.34
CA ALA B 98 3.38 -10.23 12.38
C ALA B 98 2.44 -9.37 11.56
N ARG B 99 2.48 -8.07 11.84
CA ARG B 99 1.70 -7.09 11.08
C ARG B 99 2.40 -6.77 9.77
N HIS B 100 1.61 -6.39 8.77
CA HIS B 100 2.10 -6.10 7.43
C HIS B 100 1.50 -4.81 6.92
N LEU B 101 2.35 -3.96 6.35
CA LEU B 101 1.95 -2.70 5.72
C LEU B 101 2.68 -2.57 4.40
N ILE B 102 2.11 -1.77 3.50
CA ILE B 102 2.75 -1.54 2.20
C ILE B 102 4.10 -0.85 2.33
N PRO B 103 4.24 0.27 3.08
CA PRO B 103 5.56 0.89 3.19
C PRO B 103 6.55 0.05 3.97
N THR B 104 6.13 -0.43 5.15
CA THR B 104 6.99 -1.23 6.02
C THR B 104 6.51 -2.67 5.97
N ILE B 105 7.39 -3.58 5.54
CA ILE B 105 6.97 -4.94 5.24
C ILE B 105 6.45 -5.66 6.48
N PHE B 106 7.11 -5.45 7.62
CA PHE B 106 6.68 -6.09 8.86
C PHE B 106 7.05 -5.18 10.03
N ASP B 107 6.11 -4.99 10.95
CA ASP B 107 6.28 -4.03 12.04
C ASP B 107 6.35 -4.70 13.41
N TYR B 108 5.33 -5.46 13.79
CA TYR B 108 5.24 -6.04 15.13
C TYR B 108 5.33 -7.56 15.01
N TRP B 109 6.48 -8.10 15.38
CA TRP B 109 6.70 -9.54 15.34
C TRP B 109 6.31 -10.16 16.66
N GLY B 110 5.62 -11.30 16.59
CA GLY B 110 5.20 -12.01 17.79
C GLY B 110 6.33 -12.83 18.38
N GLN B 111 6.03 -13.45 19.53
CA GLN B 111 7.01 -14.28 20.21
C GLN B 111 7.21 -15.61 19.49
N GLY B 112 6.14 -16.15 18.91
CA GLY B 112 6.25 -17.37 18.11
C GLY B 112 6.37 -18.62 18.96
N THR B 113 6.52 -19.74 18.27
CA THR B 113 6.63 -21.03 18.94
C THR B 113 7.40 -21.99 18.05
N LEU B 114 8.22 -22.84 18.66
CA LEU B 114 9.00 -23.83 17.92
C LEU B 114 8.21 -25.12 17.81
N VAL B 115 8.17 -25.67 16.58
CA VAL B 115 7.46 -26.91 16.29
C VAL B 115 8.41 -27.86 15.58
N THR B 116 8.33 -29.14 15.92
CA THR B 116 9.18 -30.17 15.35
C THR B 116 8.33 -31.30 14.77
N VAL B 117 8.92 -32.02 13.81
CA VAL B 117 8.25 -33.14 13.15
C VAL B 117 9.04 -34.40 13.46
N SER B 118 8.38 -35.36 14.10
CA SER B 118 9.00 -36.63 14.44
C SER B 118 7.96 -37.70 14.70
N SER B 119 8.38 -38.83 15.27
CA SER B 119 7.46 -39.92 15.59
C SER B 119 6.60 -39.58 16.79
N SER C 1 17.91 -19.41 -1.93
CA SER C 1 17.32 -18.40 -2.79
C SER C 1 18.39 -17.64 -3.55
N ALA C 2 17.96 -16.69 -4.39
CA ALA C 2 18.86 -15.81 -5.11
C ALA C 2 19.33 -14.63 -4.27
N LEU C 3 19.15 -14.70 -2.96
CA LEU C 3 19.48 -13.61 -2.04
C LEU C 3 20.38 -14.13 -0.94
N THR C 4 21.47 -13.42 -0.67
CA THR C 4 22.48 -13.85 0.29
C THR C 4 22.91 -12.69 1.16
N GLN C 5 23.75 -13.00 2.14
CA GLN C 5 24.31 -12.04 3.09
C GLN C 5 25.57 -12.64 3.69
N PRO C 6 26.60 -11.83 3.96
CA PRO C 6 27.81 -12.37 4.59
C PRO C 6 27.52 -13.00 5.94
N ALA C 7 28.30 -14.04 6.26
CA ALA C 7 27.99 -14.88 7.40
C ALA C 7 28.12 -14.13 8.73
N SER C 8 29.24 -13.44 8.93
CA SER C 8 29.48 -12.78 10.21
C SER C 8 30.51 -11.67 10.04
N VAL C 9 30.30 -10.57 10.76
CA VAL C 9 31.22 -9.45 10.80
C VAL C 9 31.38 -9.02 12.26
N SER C 10 32.61 -8.85 12.71
CA SER C 10 32.91 -8.46 14.08
C SER C 10 33.67 -7.15 14.10
N GLY C 11 33.35 -6.30 15.07
CA GLY C 11 34.01 -5.01 15.19
C GLY C 11 34.27 -4.66 16.64
N SER C 12 35.26 -3.79 16.83
CA SER C 12 35.64 -3.38 18.17
C SER C 12 34.63 -2.38 18.72
N PRO C 13 34.30 -2.47 20.02
CA PRO C 13 33.38 -1.48 20.61
C PRO C 13 33.98 -0.08 20.57
N GLY C 14 33.10 0.90 20.37
CA GLY C 14 33.52 2.29 20.26
C GLY C 14 34.02 2.71 18.90
N GLN C 15 33.94 1.83 17.90
CA GLN C 15 34.41 2.13 16.55
C GLN C 15 33.26 1.85 15.58
N SER C 16 33.21 2.63 14.50
CA SER C 16 32.16 2.45 13.50
C SER C 16 32.38 1.17 12.72
N ILE C 17 31.29 0.41 12.54
CA ILE C 17 31.31 -0.81 11.74
C ILE C 17 30.09 -0.80 10.84
N THR C 18 30.14 -1.56 9.76
CA THR C 18 29.05 -1.64 8.81
C THR C 18 28.86 -3.09 8.38
N ILE C 19 27.59 -3.53 8.35
CA ILE C 19 27.23 -4.85 7.86
C ILE C 19 26.38 -4.68 6.61
N SER C 20 26.72 -5.43 5.56
CA SER C 20 26.11 -5.27 4.26
C SER C 20 25.25 -6.46 3.90
N CYS C 21 24.19 -6.20 3.14
CA CYS C 21 23.32 -7.23 2.58
C CYS C 21 23.27 -7.06 1.06
N THR C 22 23.36 -8.17 0.35
CA THR C 22 23.49 -8.16 -1.10
C THR C 22 22.30 -8.83 -1.76
N GLY C 23 22.01 -8.41 -2.99
CA GLY C 23 20.92 -8.96 -3.77
C GLY C 23 21.25 -9.03 -5.25
N THR C 24 20.23 -8.95 -6.10
CA THR C 24 20.41 -8.99 -7.54
C THR C 24 19.66 -7.83 -8.18
N SER C 25 20.12 -7.43 -9.37
CA SER C 25 19.55 -6.28 -10.05
C SER C 25 18.08 -6.51 -10.42
N SER C 26 17.74 -7.74 -10.78
CA SER C 26 16.38 -8.02 -11.24
C SER C 26 15.38 -7.97 -10.08
N ASP C 27 15.60 -8.80 -9.06
CA ASP C 27 14.61 -8.92 -7.99
C ASP C 27 14.49 -7.64 -7.18
N VAL C 28 15.62 -7.10 -6.70
CA VAL C 28 15.58 -5.91 -5.87
C VAL C 28 16.12 -4.71 -6.64
N GLY C 29 17.35 -4.80 -7.15
CA GLY C 29 17.97 -3.75 -7.93
C GLY C 29 17.83 -2.36 -7.34
N GLY C 30 17.12 -1.48 -8.05
CA GLY C 30 16.90 -0.13 -7.58
C GLY C 30 15.49 0.11 -7.07
N SER C 31 14.93 -0.86 -6.36
CA SER C 31 13.60 -0.72 -5.78
C SER C 31 13.68 0.12 -4.50
N ASN C 32 12.61 0.12 -3.72
CA ASN C 32 12.55 0.92 -2.51
C ASN C 32 11.96 0.07 -1.39
N TYR C 33 11.63 0.73 -0.28
CA TYR C 33 11.04 0.07 0.89
C TYR C 33 11.97 -1.01 1.45
N VAL C 34 13.27 -0.76 1.44
CA VAL C 34 14.22 -1.67 2.08
C VAL C 34 14.06 -1.59 3.59
N SER C 35 14.41 -2.67 4.28
CA SER C 35 14.20 -2.77 5.71
C SER C 35 15.36 -3.50 6.37
N TRP C 36 15.52 -3.25 7.67
CA TRP C 36 16.56 -3.86 8.48
C TRP C 36 16.04 -4.10 9.88
N TYR C 37 16.17 -5.34 10.35
CA TYR C 37 15.74 -5.77 11.67
C TYR C 37 16.94 -6.32 12.43
N GLN C 38 16.80 -6.39 13.75
CA GLN C 38 17.74 -7.14 14.57
C GLN C 38 16.96 -8.13 15.43
N HIS C 39 17.55 -9.31 15.62
CA HIS C 39 16.93 -10.39 16.38
C HIS C 39 17.87 -10.76 17.51
N HIS C 40 17.41 -10.57 18.73
CA HIS C 40 18.16 -10.94 19.91
C HIS C 40 17.94 -12.42 20.24
N PRO C 41 18.87 -13.05 20.95
CA PRO C 41 18.68 -14.45 21.35
C PRO C 41 17.48 -14.60 22.27
N ASP C 42 16.47 -15.34 21.78
CA ASP C 42 15.22 -15.61 22.50
C ASP C 42 14.51 -14.30 22.85
N ARG C 43 14.16 -13.57 21.80
CA ARG C 43 13.38 -12.35 21.93
C ARG C 43 12.75 -12.02 20.59
N ALA C 44 11.53 -11.48 20.63
CA ALA C 44 10.81 -11.19 19.40
C ALA C 44 11.51 -10.12 18.59
N PRO C 45 11.58 -10.26 17.27
CA PRO C 45 12.24 -9.24 16.44
C PRO C 45 11.50 -7.91 16.49
N LYS C 46 12.26 -6.84 16.29
CA LYS C 46 11.71 -5.49 16.25
C LYS C 46 12.29 -4.74 15.06
N LEU C 47 11.55 -3.74 14.60
CA LEU C 47 11.93 -2.99 13.41
C LEU C 47 12.92 -1.89 13.77
N LEU C 48 13.93 -1.72 12.91
CA LEU C 48 14.94 -0.68 13.08
C LEU C 48 15.05 0.24 11.87
N ILE C 49 14.93 -0.30 10.66
CA ILE C 49 14.94 0.50 9.45
C ILE C 49 13.77 0.04 8.59
N TYR C 50 12.90 0.96 8.21
CA TYR C 50 11.77 0.65 7.33
C TYR C 50 11.84 1.34 6.00
N GLU C 51 12.48 2.51 5.91
CA GLU C 51 12.77 3.16 4.65
C GLU C 51 14.24 3.55 4.62
N VAL C 52 14.73 3.89 3.43
CA VAL C 52 16.12 4.26 3.25
C VAL C 52 16.47 5.42 4.18
N THR C 53 17.44 5.18 5.07
CA THR C 53 17.89 6.18 6.05
C THR C 53 16.72 6.76 6.84
N ASN C 54 15.80 5.89 7.25
CA ASN C 54 14.61 6.31 7.98
C ASN C 54 14.36 5.36 9.14
N ARG C 55 13.97 5.92 10.28
CA ARG C 55 13.74 5.15 11.49
C ARG C 55 12.44 5.61 12.15
N PRO C 56 11.66 4.68 12.72
CA PRO C 56 10.42 5.08 13.39
C PRO C 56 10.68 5.70 14.77
N SER C 57 9.61 5.96 15.52
CA SER C 57 9.72 6.56 16.84
C SER C 57 10.51 5.65 17.78
N GLY C 58 10.80 6.18 18.97
CA GLY C 58 11.73 5.51 19.86
C GLY C 58 13.10 5.45 19.25
N VAL C 59 13.55 6.59 18.72
CA VAL C 59 14.72 6.63 17.83
C VAL C 59 15.98 6.24 18.58
N SER C 60 16.85 5.51 17.88
CA SER C 60 18.23 5.25 18.31
C SER C 60 19.09 5.79 17.16
N ASN C 61 19.41 7.07 17.22
CA ASN C 61 19.94 7.80 16.06
C ASN C 61 21.34 7.36 15.66
N ARG C 62 22.03 6.57 16.48
CA ARG C 62 23.39 6.14 16.13
C ARG C 62 23.38 5.26 14.88
N PHE C 63 22.38 4.39 14.76
CA PHE C 63 22.30 3.51 13.60
C PHE C 63 22.02 4.31 12.33
N SER C 64 22.60 3.86 11.22
CA SER C 64 22.40 4.53 9.94
C SER C 64 22.29 3.48 8.85
N GLY C 65 21.71 3.90 7.71
CA GLY C 65 21.55 3.02 6.57
C GLY C 65 22.08 3.66 5.30
N SER C 66 22.29 2.82 4.29
CA SER C 66 22.75 3.28 3.00
C SER C 66 22.37 2.24 1.95
N LYS C 67 22.12 2.72 0.73
CA LYS C 67 21.77 1.86 -0.39
C LYS C 67 22.71 2.14 -1.56
N SER C 68 23.33 1.10 -2.08
CA SER C 68 24.21 1.19 -3.24
C SER C 68 23.63 0.37 -4.38
N ALA C 69 24.27 0.51 -5.55
CA ALA C 69 23.77 0.06 -6.84
C ALA C 69 22.99 -1.26 -6.79
N ASN C 70 23.52 -2.24 -6.06
CA ASN C 70 22.82 -3.51 -5.94
C ASN C 70 22.85 -4.07 -4.52
N THR C 71 23.15 -3.23 -3.52
CA THR C 71 23.30 -3.72 -2.15
C THR C 71 22.75 -2.68 -1.17
N ALA C 72 22.67 -3.07 0.10
CA ALA C 72 22.36 -2.17 1.18
C ALA C 72 23.35 -2.41 2.32
N SER C 73 23.49 -1.42 3.19
CA SER C 73 24.44 -1.53 4.28
C SER C 73 23.96 -0.73 5.48
N LEU C 74 24.03 -1.34 6.67
CA LEU C 74 23.67 -0.68 7.90
C LEU C 74 24.92 -0.46 8.73
N THR C 75 25.10 0.77 9.21
CA THR C 75 26.29 1.16 9.97
C THR C 75 25.91 1.43 11.42
N ILE C 76 26.69 0.85 12.33
CA ILE C 76 26.52 1.05 13.76
C ILE C 76 27.78 1.75 14.28
N SER C 77 27.59 2.78 15.09
CA SER C 77 28.70 3.51 15.69
C SER C 77 28.62 3.38 17.21
N GLY C 78 29.79 3.25 17.83
CA GLY C 78 29.85 3.06 19.27
C GLY C 78 29.25 1.74 19.71
N LEU C 79 29.91 0.64 19.36
CA LEU C 79 29.37 -0.68 19.64
C LEU C 79 29.36 -0.97 21.13
N GLN C 80 28.36 -1.74 21.57
CA GLN C 80 28.26 -2.23 22.93
C GLN C 80 27.95 -3.72 22.91
N ALA C 81 28.01 -4.35 24.09
CA ALA C 81 27.66 -5.76 24.20
C ALA C 81 26.18 -5.98 23.89
N GLU C 82 25.36 -4.95 24.08
CA GLU C 82 23.94 -5.07 23.74
C GLU C 82 23.75 -5.22 22.24
N ASP C 83 24.66 -4.65 21.45
CA ASP C 83 24.53 -4.74 19.99
C ASP C 83 24.76 -6.16 19.50
N GLU C 84 25.31 -7.03 20.35
CA GLU C 84 25.61 -8.40 19.96
C GLU C 84 24.32 -9.20 19.78
N ALA C 85 23.92 -9.40 18.54
CA ALA C 85 22.72 -10.15 18.18
C ALA C 85 22.78 -10.41 16.67
N ASP C 86 21.73 -11.01 16.13
CA ASP C 86 21.67 -11.26 14.70
C ASP C 86 21.02 -10.07 14.00
N TYR C 87 21.39 -9.83 12.75
CA TYR C 87 20.89 -8.67 12.00
C TYR C 87 20.40 -9.14 10.64
N TYR C 88 19.12 -8.88 10.36
CA TYR C 88 18.47 -9.34 9.13
C TYR C 88 18.23 -8.14 8.22
N CYS C 89 18.67 -8.25 6.96
CA CYS C 89 18.29 -7.30 5.94
C CYS C 89 17.04 -7.80 5.21
N SER C 90 16.34 -6.89 4.54
CA SER C 90 15.01 -7.18 4.03
C SER C 90 14.71 -6.25 2.87
N SER C 91 13.99 -6.74 1.86
CA SER C 91 13.58 -5.92 0.73
C SER C 91 12.52 -6.64 -0.10
N TYR C 92 11.82 -5.87 -0.93
CA TYR C 92 10.88 -6.44 -1.88
C TYR C 92 11.62 -7.05 -3.06
N THR C 93 11.03 -8.07 -3.67
CA THR C 93 11.59 -8.72 -4.85
C THR C 93 10.48 -8.94 -5.87
N THR C 94 10.83 -8.90 -7.15
CA THR C 94 9.83 -9.00 -8.20
C THR C 94 9.31 -10.43 -8.35
N THR C 95 10.21 -11.42 -8.31
CA THR C 95 9.79 -12.80 -8.55
C THR C 95 8.90 -13.32 -7.43
N SER C 96 9.15 -12.88 -6.20
CA SER C 96 8.34 -13.28 -5.06
C SER C 96 8.45 -12.21 -3.99
N THR C 97 7.48 -12.19 -3.08
CA THR C 97 7.45 -11.20 -2.00
C THR C 97 8.09 -11.82 -0.75
N HIS C 98 9.41 -11.94 -0.79
CA HIS C 98 10.17 -12.64 0.23
C HIS C 98 11.44 -11.86 0.54
N ILE C 99 12.09 -12.26 1.64
CA ILE C 99 13.39 -11.68 1.98
C ILE C 99 14.43 -12.78 2.09
N LEU C 100 14.21 -13.75 2.98
CA LEU C 100 15.04 -14.96 3.09
C LEU C 100 16.52 -14.66 3.34
N PHE C 101 16.84 -13.46 3.84
CA PHE C 101 18.24 -13.10 4.04
C PHE C 101 18.83 -13.88 5.22
N GLY C 102 20.05 -14.39 5.02
CA GLY C 102 20.65 -15.24 6.04
C GLY C 102 20.88 -14.54 7.35
N GLY C 103 21.42 -13.31 7.31
CA GLY C 103 21.66 -12.56 8.52
C GLY C 103 23.02 -12.82 9.14
N GLY C 104 23.75 -11.76 9.44
CA GLY C 104 25.07 -11.86 10.04
C GLY C 104 25.01 -11.46 11.51
N THR C 105 25.50 -12.37 12.37
CA THR C 105 25.49 -12.13 13.81
C THR C 105 26.60 -11.14 14.16
N LYS C 106 26.25 -10.10 14.93
CA LYS C 106 27.23 -9.11 15.34
C LYS C 106 28.02 -9.62 16.54
N LEU C 107 29.31 -9.31 16.56
CA LEU C 107 30.20 -9.70 17.64
C LEU C 107 30.94 -8.47 18.15
N THR C 108 31.25 -8.49 19.44
CA THR C 108 31.95 -7.38 20.09
C THR C 108 33.10 -7.95 20.92
N VAL C 109 34.15 -7.15 21.10
CA VAL C 109 35.32 -7.58 21.85
C VAL C 109 35.62 -6.61 22.98
#